data_1MU6
#
_entry.id   1MU6
#
_cell.length_a   71.22
_cell.length_b   72.21
_cell.length_c   73.30
_cell.angle_alpha   90
_cell.angle_beta   101.1
_cell.angle_gamma   90
#
_symmetry.space_group_name_H-M   'C 1 2 1'
#
loop_
_entity.id
_entity.type
_entity.pdbx_description
1 polymer THROMBIN
2 polymer THROMBIN
3 polymer 'HIRUDIN IIB'
4 non-polymer 2-(6-CHLORO-3-{[2,2-DIFLUORO-2-(2-PYRIDINYL)ETHYL]AMINO}-2-OXO-1(2H)-PYRAZINYL)-N-[(2-FLUORO-6-PYRIDINYL)METHYL]ACETAMIDE
5 water water
#
loop_
_entity_poly.entity_id
_entity_poly.type
_entity_poly.pdbx_seq_one_letter_code
_entity_poly.pdbx_strand_id
1 'polypeptide(L)' TFGSGEADCGLRPLFEKKSLEDKTERELLESYIDGR A
2 'polypeptide(L)'
;IVEGSDAEIGMSPWQVMLFRKSPQELLCGASLISDRWVLTAAHCLLYPPWDKNFTENDLLVRIGKHSRTRYERNIEKISM
LEKIYIHPRYNWRENLDRDIALMKLKKPVAFSDYIHPVCLPDRETAASLLQAGYKGRVTGWGNLKETWTANVGKGQPSVL
QVVNLPIVERPVCKDSTRIRITDNMFCAGYKPDEGKRGDACEGDSGGPFVMKSPFNNRWYQMGIVSWGEGCDRDGKYGFY
THVFRLKKWIQKVIDQFGE
;
B
3 'polypeptide(L)' DFEEIPEE(TYS)LQ C
#
loop_
_chem_comp.id
_chem_comp.type
_chem_comp.name
_chem_comp.formula
CDA non-polymer 2-(6-CHLORO-3-{[2,2-DIFLUORO-2-(2-PYRIDINYL)ETHYL]AMINO}-2-OXO-1(2H)-PYRAZINYL)-N-[(2-FLUORO-6-PYRIDINYL)METHYL]ACETAMIDE 'C20 H19 F3 N6 O2'
#
# COMPACT_ATOMS: atom_id res chain seq x y z
N ASP A 8 19.45 2.75 -1.38
CA ASP A 8 19.34 1.64 -0.39
C ASP A 8 17.91 1.08 -0.29
N CYS A 9 16.99 1.70 -1.03
CA CYS A 9 15.59 1.29 -1.02
C CYS A 9 15.36 -0.19 -1.34
N GLY A 10 14.26 -0.73 -0.82
CA GLY A 10 13.91 -2.10 -1.12
C GLY A 10 14.71 -3.21 -0.48
N LEU A 11 15.72 -2.89 0.31
CA LEU A 11 16.53 -3.91 0.99
C LEU A 11 16.18 -3.81 2.47
N ARG A 12 15.48 -4.83 2.97
CA ARG A 12 15.05 -4.85 4.36
C ARG A 12 16.15 -5.17 5.35
N PRO A 13 16.29 -4.35 6.41
CA PRO A 13 17.30 -4.54 7.43
C PRO A 13 17.28 -5.95 8.04
N LEU A 14 16.09 -6.46 8.32
CA LEU A 14 15.99 -7.78 8.94
C LEU A 14 15.96 -8.96 7.99
N PHE A 15 16.01 -8.71 6.68
CA PHE A 15 15.99 -9.80 5.73
C PHE A 15 17.14 -9.73 4.71
N GLU A 16 16.94 -9.02 3.60
CA GLU A 16 18.00 -8.93 2.58
C GLU A 16 19.36 -8.53 3.14
N LYS A 17 19.38 -7.56 4.04
CA LYS A 17 20.64 -7.11 4.64
C LYS A 17 21.37 -8.22 5.40
N LYS A 18 20.63 -9.20 5.90
CA LYS A 18 21.21 -10.30 6.66
C LYS A 18 21.21 -11.60 5.86
N SER A 19 20.73 -11.51 4.63
CA SER A 19 20.63 -12.66 3.74
C SER A 19 19.66 -13.69 4.31
N LEU A 20 18.57 -13.22 4.90
CA LEU A 20 17.54 -14.10 5.44
C LEU A 20 16.28 -13.85 4.59
N GLU A 21 15.49 -14.89 4.35
CA GLU A 21 14.28 -14.73 3.55
C GLU A 21 13.05 -14.85 4.42
N ASP A 22 11.98 -14.14 4.07
CA ASP A 22 10.75 -14.25 4.87
C ASP A 22 10.09 -15.55 4.44
N LYS A 23 9.09 -16.00 5.20
CA LYS A 23 8.45 -17.27 4.89
C LYS A 23 7.67 -17.49 3.59
N THR A 24 7.38 -16.44 2.84
CA THR A 24 6.63 -16.65 1.60
C THR A 24 7.19 -15.97 0.36
N GLU A 25 8.33 -15.28 0.49
CA GLU A 25 8.86 -14.59 -0.70
C GLU A 25 9.20 -15.55 -1.83
N ARG A 26 9.54 -16.79 -1.47
CA ARG A 26 9.87 -17.80 -2.47
C ARG A 26 8.69 -18.02 -3.44
N GLU A 27 7.47 -17.89 -2.93
CA GLU A 27 6.28 -18.06 -3.76
C GLU A 27 6.30 -17.03 -4.88
N LEU A 28 6.65 -15.80 -4.53
CA LEU A 28 6.72 -14.73 -5.51
C LEU A 28 7.76 -15.05 -6.58
N LEU A 29 8.99 -15.30 -6.14
CA LEU A 29 10.08 -15.60 -7.05
C LEU A 29 9.77 -16.78 -7.98
N GLU A 30 9.10 -17.79 -7.45
CA GLU A 30 8.76 -18.96 -8.26
C GLU A 30 7.71 -18.65 -9.32
N SER A 31 6.98 -17.56 -9.15
CA SER A 31 5.95 -17.19 -10.12
C SER A 31 6.53 -16.43 -11.29
N TYR A 32 7.74 -15.90 -11.13
CA TYR A 32 8.38 -15.15 -12.21
C TYR A 32 9.06 -16.10 -13.18
N ILE A 33 8.30 -17.09 -13.64
CA ILE A 33 8.81 -18.09 -14.58
C ILE A 33 9.08 -17.47 -15.95
N ILE B 1 -7.10 -7.35 5.05
CA ILE B 1 -6.69 -8.47 4.17
C ILE B 1 -7.51 -9.72 4.48
N VAL B 2 -8.05 -10.34 3.44
CA VAL B 2 -8.86 -11.54 3.57
C VAL B 2 -8.03 -12.75 3.17
N GLU B 3 -8.08 -13.80 3.99
CA GLU B 3 -7.35 -15.03 3.74
C GLU B 3 -5.84 -14.83 3.71
N GLY B 4 -5.36 -13.87 4.49
CA GLY B 4 -3.93 -13.63 4.54
C GLY B 4 -3.34 -14.30 5.77
N SER B 5 -2.18 -13.83 6.21
CA SER B 5 -1.55 -14.40 7.39
C SER B 5 -0.78 -13.31 8.11
N ASP B 6 -0.38 -13.59 9.34
CA ASP B 6 0.38 -12.63 10.13
C ASP B 6 1.72 -12.34 9.46
N ALA B 7 2.08 -11.07 9.39
CA ALA B 7 3.35 -10.70 8.79
C ALA B 7 4.45 -10.90 9.84
N GLU B 8 5.68 -11.10 9.39
CA GLU B 8 6.79 -11.28 10.31
C GLU B 8 7.28 -9.89 10.69
N ILE B 9 8.00 -9.78 11.80
CA ILE B 9 8.52 -8.49 12.23
C ILE B 9 9.49 -7.99 11.16
N GLY B 10 9.39 -6.71 10.81
CA GLY B 10 10.28 -6.13 9.81
C GLY B 10 10.07 -6.61 8.36
N MET B 11 8.99 -7.34 8.13
CA MET B 11 8.69 -7.87 6.79
C MET B 11 8.31 -6.80 5.77
N SER B 12 7.71 -5.70 6.23
CA SER B 12 7.31 -4.60 5.35
C SER B 12 7.60 -3.26 6.03
N PRO B 13 8.88 -2.93 6.20
CA PRO B 13 9.33 -1.69 6.84
C PRO B 13 8.86 -0.39 6.18
N TRP B 14 8.30 -0.50 4.97
CA TRP B 14 7.80 0.69 4.27
C TRP B 14 6.29 0.88 4.54
N GLN B 15 5.67 -0.09 5.18
CA GLN B 15 4.25 -0.01 5.48
C GLN B 15 3.96 1.16 6.42
N VAL B 16 2.99 1.97 6.05
CA VAL B 16 2.63 3.13 6.85
C VAL B 16 1.15 3.09 7.18
N MET B 17 0.79 3.61 8.36
CA MET B 17 -0.61 3.65 8.77
C MET B 17 -1.10 5.09 8.76
N LEU B 18 -2.21 5.33 8.06
CA LEU B 18 -2.79 6.68 8.05
C LEU B 18 -3.74 6.65 9.24
N PHE B 19 -3.47 7.52 10.20
CA PHE B 19 -4.25 7.57 11.43
C PHE B 19 -4.99 8.88 11.62
N ARG B 20 -6.28 8.77 11.94
CA ARG B 20 -7.12 9.95 12.16
C ARG B 20 -7.00 10.40 13.61
N LYS B 21 -6.84 11.70 13.83
CA LYS B 21 -6.71 12.24 15.18
C LYS B 21 -8.00 12.14 15.99
N SER B 22 -9.06 12.81 15.54
CA SER B 22 -10.33 12.80 16.26
C SER B 22 -11.52 12.41 15.39
N PRO B 23 -12.12 11.25 15.64
CA PRO B 23 -11.72 10.30 16.67
C PRO B 23 -10.49 9.52 16.20
N GLN B 24 -9.77 8.92 17.14
CA GLN B 24 -8.58 8.15 16.78
C GLN B 24 -9.00 6.85 16.10
N GLU B 25 -8.61 6.68 14.84
CA GLU B 25 -8.96 5.48 14.10
C GLU B 25 -8.10 5.26 12.86
N LEU B 26 -8.10 4.02 12.36
CA LEU B 26 -7.34 3.66 11.18
C LEU B 26 -8.07 4.13 9.93
N LEU B 27 -7.42 4.97 9.14
CA LEU B 27 -8.03 5.48 7.91
C LEU B 27 -7.64 4.64 6.70
N CYS B 28 -6.34 4.43 6.53
CA CYS B 28 -5.84 3.67 5.38
C CYS B 28 -4.40 3.25 5.56
N GLY B 29 -3.90 2.55 4.55
CA GLY B 29 -2.52 2.14 4.54
C GLY B 29 -1.79 3.18 3.69
N ALA B 30 -0.48 3.07 3.62
CA ALA B 30 0.32 4.00 2.84
C ALA B 30 1.70 3.36 2.80
N SER B 31 2.65 4.01 2.11
CA SER B 31 3.99 3.46 2.03
C SER B 31 5.05 4.55 2.10
N LEU B 32 6.22 4.20 2.63
CA LEU B 32 7.32 5.15 2.75
C LEU B 32 8.24 4.99 1.54
N ILE B 33 8.39 6.07 0.76
CA ILE B 33 9.26 6.02 -0.42
C ILE B 33 10.56 6.80 -0.25
N SER B 34 10.67 7.53 0.86
CA SER B 34 11.87 8.29 1.18
C SER B 34 11.74 8.68 2.64
N ASP B 35 12.73 9.39 3.18
CA ASP B 35 12.70 9.81 4.57
C ASP B 35 11.71 10.94 4.81
N ARG B 36 11.20 11.52 3.73
CA ARG B 36 10.29 12.65 3.83
C ARG B 36 8.96 12.50 3.07
N TRP B 37 8.81 11.43 2.29
CA TRP B 37 7.59 11.24 1.51
C TRP B 37 6.84 9.93 1.70
N VAL B 38 5.52 10.02 1.69
CA VAL B 38 4.65 8.86 1.85
C VAL B 38 3.68 8.83 0.67
N LEU B 39 3.45 7.64 0.13
CA LEU B 39 2.57 7.45 -1.01
C LEU B 39 1.31 6.71 -0.58
N THR B 40 0.14 7.19 -1.02
CA THR B 40 -1.11 6.54 -0.67
C THR B 40 -2.17 6.76 -1.76
N ALA B 41 -3.39 6.29 -1.51
CA ALA B 41 -4.48 6.46 -2.47
C ALA B 41 -5.21 7.77 -2.21
N ALA B 42 -5.48 8.52 -3.27
CA ALA B 42 -6.18 9.79 -3.14
C ALA B 42 -7.55 9.63 -2.48
N HIS B 43 -8.22 8.49 -2.70
CA HIS B 43 -9.54 8.32 -2.13
C HIS B 43 -9.50 8.20 -0.61
N CYS B 44 -8.31 8.02 -0.05
CA CYS B 44 -8.14 7.94 1.41
C CYS B 44 -8.29 9.34 1.99
N LEU B 45 -7.99 10.34 1.17
CA LEU B 45 -8.06 11.72 1.61
C LEU B 45 -9.25 12.51 1.07
N LEU B 46 -9.63 12.23 -0.18
CA LEU B 46 -10.71 12.95 -0.82
C LEU B 46 -11.70 12.04 -1.54
N TYR B 47 -12.97 12.15 -1.17
CA TYR B 47 -14.03 11.37 -1.80
C TYR B 47 -15.38 12.00 -1.48
N PRO B 48 -15.71 13.10 -2.18
CA PRO B 48 -16.97 13.85 -2.00
C PRO B 48 -18.25 13.02 -1.81
N PRO B 49 -18.39 11.91 -2.54
CA PRO B 49 -19.61 11.11 -2.37
C PRO B 49 -19.90 10.73 -0.92
N TRP B 50 -18.84 10.55 -0.12
CA TRP B 50 -18.98 10.17 1.29
C TRP B 50 -18.59 11.33 2.19
N ASP B 51 -18.58 12.53 1.63
CA ASP B 51 -18.22 13.73 2.36
C ASP B 51 -16.84 13.63 3.01
N LYS B 52 -15.93 12.91 2.34
CA LYS B 52 -14.57 12.76 2.86
C LYS B 52 -13.64 13.79 2.22
N ASN B 53 -13.00 14.59 3.06
CA ASN B 53 -12.06 15.62 2.59
C ASN B 53 -11.12 16.01 3.73
N PHE B 54 -10.13 15.16 3.98
CA PHE B 54 -9.16 15.37 5.04
C PHE B 54 -8.04 16.33 4.67
N THR B 55 -7.65 17.17 5.61
CA THR B 55 -6.56 18.13 5.38
C THR B 55 -5.32 17.68 6.16
N GLU B 56 -4.22 18.42 6.02
CA GLU B 56 -2.98 18.10 6.71
C GLU B 56 -3.12 17.88 8.21
N ASN B 57 -3.74 18.84 8.89
CA ASN B 57 -3.89 18.76 10.34
C ASN B 57 -4.95 17.81 10.88
N ASP B 58 -5.59 17.06 10.00
CA ASP B 58 -6.61 16.10 10.41
C ASP B 58 -6.03 14.71 10.63
N LEU B 59 -4.84 14.47 10.07
CA LEU B 59 -4.24 13.15 10.15
C LEU B 59 -2.84 13.06 10.73
N LEU B 60 -2.44 11.81 10.98
CA LEU B 60 -1.12 11.47 11.49
C LEU B 60 -0.64 10.24 10.74
N VAL B 61 0.67 10.18 10.51
CA VAL B 61 1.30 9.05 9.83
C VAL B 61 2.07 8.26 10.88
N ARG B 62 1.79 6.96 11.00
CA ARG B 62 2.48 6.10 11.94
C ARG B 62 3.33 5.06 11.21
N ILE B 63 4.65 5.18 11.37
CA ILE B 63 5.61 4.32 10.69
C ILE B 63 6.32 3.31 11.60
N GLY B 64 6.59 2.12 11.05
CA GLY B 64 7.29 1.07 11.78
C GLY B 64 6.44 0.19 12.68
N LYS B 65 5.13 0.18 12.44
CA LYS B 65 4.23 -0.62 13.27
C LYS B 65 4.04 -2.07 12.87
N HIS B 66 3.50 -2.85 13.81
CA HIS B 66 3.21 -4.26 13.59
C HIS B 66 1.80 -4.48 14.13
N SER B 67 1.59 -4.10 15.39
CA SER B 67 0.29 -4.22 16.03
C SER B 67 -0.62 -3.12 15.48
N ARG B 68 -1.89 -3.45 15.26
CA ARG B 68 -2.83 -2.47 14.73
C ARG B 68 -3.24 -1.39 15.71
N THR B 69 -3.64 -1.80 16.92
CA THR B 69 -4.12 -0.86 17.93
C THR B 69 -3.19 -0.33 19.01
N ARG B 70 -2.16 -1.09 19.36
CA ARG B 70 -1.24 -0.67 20.42
C ARG B 70 -0.23 0.40 20.02
N TYR B 71 0.15 1.24 20.97
CA TYR B 71 1.16 2.26 20.71
C TYR B 71 2.50 1.58 21.00
N GLU B 72 3.19 1.19 19.93
CA GLU B 72 4.45 0.48 20.06
C GLU B 72 5.63 1.39 20.39
N ARG B 73 5.69 1.77 21.67
CA ARG B 73 6.71 2.63 22.23
C ARG B 73 8.13 2.16 21.86
N ASN B 74 8.98 3.13 21.54
CA ASN B 74 10.37 2.85 21.14
C ASN B 74 10.53 2.15 19.79
N ILE B 75 9.42 1.83 19.14
CA ILE B 75 9.51 1.14 17.85
C ILE B 75 8.90 1.97 16.73
N GLU B 76 7.62 2.31 16.86
CA GLU B 76 6.97 3.11 15.83
C GLU B 76 7.30 4.59 16.00
N LYS B 77 7.08 5.34 14.92
CA LYS B 77 7.30 6.77 14.93
C LYS B 77 6.04 7.40 14.33
N ILE B 78 5.54 8.45 14.97
CA ILE B 78 4.36 9.15 14.48
C ILE B 78 4.85 10.46 13.89
N SER B 79 4.32 10.84 12.74
CA SER B 79 4.73 12.08 12.09
C SER B 79 3.54 12.92 11.65
N MET B 80 3.78 14.21 11.55
CA MET B 80 2.74 15.14 11.13
C MET B 80 2.98 15.43 9.67
N LEU B 81 1.95 15.92 8.99
CA LEU B 81 2.04 16.22 7.57
C LEU B 81 2.25 17.70 7.31
N GLU B 82 3.14 18.02 6.38
CA GLU B 82 3.40 19.39 6.03
C GLU B 82 2.44 19.79 4.90
N LYS B 83 2.31 18.91 3.91
CA LYS B 83 1.43 19.19 2.79
C LYS B 83 0.98 17.90 2.10
N ILE B 84 -0.21 17.93 1.53
CA ILE B 84 -0.78 16.80 0.82
C ILE B 84 -0.92 17.16 -0.65
N TYR B 85 -0.62 16.21 -1.53
CA TYR B 85 -0.75 16.44 -2.96
C TYR B 85 -1.56 15.33 -3.60
N ILE B 86 -2.68 15.71 -4.20
CA ILE B 86 -3.56 14.76 -4.86
C ILE B 86 -3.41 14.98 -6.37
N HIS B 87 -3.41 13.90 -7.14
CA HIS B 87 -3.27 14.05 -8.59
C HIS B 87 -4.37 14.96 -9.11
N PRO B 88 -3.99 16.01 -9.86
CA PRO B 88 -4.97 16.96 -10.41
C PRO B 88 -6.06 16.33 -11.26
N ARG B 89 -5.79 15.15 -11.82
CA ARG B 89 -6.78 14.49 -12.67
C ARG B 89 -7.39 13.24 -12.03
N TYR B 90 -7.34 13.18 -10.71
CA TYR B 90 -7.92 12.08 -9.95
C TYR B 90 -9.43 12.10 -10.26
N ASN B 91 -9.96 10.99 -10.76
CA ASN B 91 -11.38 10.93 -11.13
C ASN B 91 -12.24 10.27 -10.06
N TRP B 92 -12.66 11.03 -9.06
CA TRP B 92 -13.51 10.48 -8.01
C TRP B 92 -14.96 10.38 -8.43
N ARG B 93 -15.30 11.06 -9.51
CA ARG B 93 -16.68 11.05 -10.00
C ARG B 93 -17.10 9.77 -10.70
N GLU B 94 -16.16 9.09 -11.34
CA GLU B 94 -16.50 7.88 -12.08
C GLU B 94 -15.88 6.54 -11.68
N ASN B 95 -14.56 6.41 -11.84
CA ASN B 95 -13.91 5.12 -11.57
C ASN B 95 -12.62 5.15 -10.72
N LEU B 96 -12.35 6.26 -10.05
CA LEU B 96 -11.14 6.38 -9.23
C LEU B 96 -9.86 6.30 -10.07
N ASP B 97 -9.95 6.74 -11.32
CA ASP B 97 -8.80 6.73 -12.22
C ASP B 97 -7.77 7.70 -11.62
N ARG B 98 -6.51 7.29 -11.62
CA ARG B 98 -5.42 8.09 -11.06
C ARG B 98 -5.62 8.28 -9.55
N ASP B 99 -5.92 7.18 -8.88
CA ASP B 99 -6.14 7.19 -7.43
C ASP B 99 -4.77 7.19 -6.75
N ILE B 100 -4.17 8.37 -6.63
CA ILE B 100 -2.86 8.48 -6.03
C ILE B 100 -2.68 9.81 -5.33
N ALA B 101 -1.85 9.83 -4.29
CA ALA B 101 -1.59 11.05 -3.55
C ALA B 101 -0.26 10.92 -2.85
N LEU B 102 0.42 12.06 -2.67
CA LEU B 102 1.71 12.11 -1.99
C LEU B 102 1.54 12.97 -0.74
N MET B 103 2.29 12.62 0.31
CA MET B 103 2.24 13.35 1.56
C MET B 103 3.66 13.70 2.00
N LYS B 104 3.89 14.98 2.23
CA LYS B 104 5.19 15.50 2.65
C LYS B 104 5.18 15.54 4.18
N LEU B 105 6.16 14.90 4.81
CA LEU B 105 6.24 14.87 6.27
C LEU B 105 6.87 16.14 6.85
N LYS B 106 6.43 16.51 8.04
CA LYS B 106 6.96 17.70 8.71
C LYS B 106 8.49 17.60 8.83
N LYS B 107 8.94 16.47 9.35
CA LYS B 107 10.36 16.22 9.54
C LYS B 107 10.74 14.85 9.03
N PRO B 108 11.97 14.71 8.52
CA PRO B 108 12.43 13.42 8.00
C PRO B 108 12.39 12.40 9.13
N VAL B 109 11.99 11.17 8.81
CA VAL B 109 11.94 10.12 9.80
C VAL B 109 13.25 9.35 9.73
N ALA B 110 13.74 8.87 10.86
CA ALA B 110 14.99 8.13 10.88
C ALA B 110 14.68 6.66 10.60
N PHE B 111 15.49 6.05 9.73
CA PHE B 111 15.28 4.66 9.40
C PHE B 111 15.77 3.78 10.55
N SER B 112 15.37 2.51 10.52
CA SER B 112 15.75 1.56 11.56
C SER B 112 15.46 0.18 11.02
N ASP B 113 15.50 -0.82 11.89
CA ASP B 113 15.22 -2.20 11.48
C ASP B 113 13.75 -2.36 11.08
N TYR B 114 12.90 -1.44 11.53
CA TYR B 114 11.46 -1.52 11.24
C TYR B 114 10.94 -0.43 10.31
N ILE B 115 11.82 0.50 9.94
CA ILE B 115 11.45 1.63 9.09
C ILE B 115 12.46 1.74 7.96
N HIS B 116 12.01 1.45 6.74
CA HIS B 116 12.89 1.50 5.57
C HIS B 116 12.04 1.74 4.31
N PRO B 117 12.50 2.63 3.42
CA PRO B 117 11.74 2.92 2.19
C PRO B 117 11.76 1.83 1.12
N VAL B 118 10.67 1.75 0.36
CA VAL B 118 10.54 0.78 -0.72
C VAL B 118 10.99 1.53 -1.98
N CYS B 119 11.38 0.79 -3.04
CA CYS B 119 11.81 1.43 -4.29
C CYS B 119 10.66 1.67 -5.25
N LEU B 120 10.80 2.68 -6.11
CA LEU B 120 9.80 2.96 -7.14
C LEU B 120 10.39 2.36 -8.40
N PRO B 121 9.57 1.62 -9.17
CA PRO B 121 10.07 1.00 -10.40
C PRO B 121 10.49 1.94 -11.51
N ASP B 122 11.49 1.50 -12.26
CA ASP B 122 11.99 2.22 -13.41
C ASP B 122 11.25 1.54 -14.56
N ARG B 123 11.30 2.12 -15.76
CA ARG B 123 10.59 1.54 -16.89
C ARG B 123 10.85 0.06 -17.13
N GLU B 124 12.11 -0.35 -17.08
CA GLU B 124 12.50 -1.73 -17.32
C GLU B 124 11.99 -2.72 -16.28
N THR B 125 12.10 -2.34 -15.01
CA THR B 125 11.63 -3.22 -13.94
C THR B 125 10.12 -3.45 -14.12
N ALA B 126 9.40 -2.36 -14.33
CA ALA B 126 7.95 -2.44 -14.52
C ALA B 126 7.57 -3.32 -15.71
N ALA B 127 8.30 -3.16 -16.81
CA ALA B 127 8.01 -3.94 -18.02
C ALA B 127 8.22 -5.42 -17.81
N SER B 128 9.29 -5.80 -17.13
CA SER B 128 9.57 -7.21 -16.91
C SER B 128 8.82 -7.90 -15.77
N LEU B 129 8.32 -7.14 -14.80
CA LEU B 129 7.62 -7.76 -13.68
C LEU B 129 6.11 -7.65 -13.70
N LEU B 130 5.59 -6.59 -14.30
CA LEU B 130 4.14 -6.41 -14.34
C LEU B 130 3.51 -7.27 -15.44
N GLN B 131 3.47 -8.58 -15.19
CA GLN B 131 2.91 -9.52 -16.16
C GLN B 131 1.91 -10.48 -15.52
N ALA B 132 0.87 -10.84 -16.28
CA ALA B 132 -0.16 -11.75 -15.77
C ALA B 132 0.48 -13.04 -15.28
N GLY B 133 0.03 -13.53 -14.14
CA GLY B 133 0.58 -14.75 -13.59
C GLY B 133 1.65 -14.50 -12.54
N TYR B 134 2.36 -13.38 -12.69
CA TYR B 134 3.39 -13.01 -11.74
C TYR B 134 2.73 -12.53 -10.44
N LYS B 135 3.29 -12.92 -9.30
CA LYS B 135 2.72 -12.56 -8.01
C LYS B 135 3.34 -11.38 -7.30
N GLY B 136 2.47 -10.60 -6.64
CA GLY B 136 2.91 -9.46 -5.88
C GLY B 136 2.43 -9.68 -4.45
N ARG B 137 2.76 -8.77 -3.55
CA ARG B 137 2.37 -8.90 -2.15
C ARG B 137 1.63 -7.66 -1.67
N VAL B 138 0.54 -7.87 -0.93
CA VAL B 138 -0.25 -6.77 -0.41
C VAL B 138 -0.29 -6.87 1.12
N THR B 139 -0.18 -5.74 1.80
CA THR B 139 -0.20 -5.72 3.25
C THR B 139 -1.11 -4.64 3.81
N GLY B 140 -1.65 -4.87 5.02
CA GLY B 140 -2.51 -3.87 5.62
C GLY B 140 -3.18 -4.34 6.91
N TRP B 141 -3.80 -3.40 7.63
CA TRP B 141 -4.49 -3.70 8.88
C TRP B 141 -6.00 -3.67 8.67
N GLY B 142 -6.41 -3.82 7.42
CA GLY B 142 -7.83 -3.79 7.09
C GLY B 142 -8.61 -5.01 7.55
N ASN B 143 -9.92 -4.98 7.36
CA ASN B 143 -10.79 -6.08 7.77
C ASN B 143 -10.39 -7.43 7.18
N LEU B 144 -10.64 -8.48 7.94
CA LEU B 144 -10.32 -9.85 7.54
C LEU B 144 -11.44 -10.50 6.75
N LYS B 145 -12.62 -9.88 6.75
CA LYS B 145 -13.77 -10.42 6.03
C LYS B 145 -14.62 -9.26 5.57
N GLU B 146 -15.41 -9.48 4.51
CA GLU B 146 -16.26 -8.41 4.00
C GLU B 146 -17.40 -8.12 4.97
N GLY B 155 -12.97 -9.99 13.00
CA GLY B 155 -13.31 -8.83 12.12
C GLY B 155 -12.09 -8.02 11.75
N GLN B 156 -11.29 -7.68 12.75
CA GLN B 156 -10.08 -6.89 12.53
C GLN B 156 -8.87 -7.65 13.10
N PRO B 157 -7.73 -7.63 12.39
CA PRO B 157 -6.52 -8.33 12.84
C PRO B 157 -5.81 -7.64 13.99
N SER B 158 -5.05 -8.42 14.74
CA SER B 158 -4.29 -7.89 15.86
C SER B 158 -2.98 -7.29 15.35
N VAL B 159 -2.41 -7.91 14.31
CA VAL B 159 -1.17 -7.41 13.73
C VAL B 159 -1.27 -7.33 12.21
N LEU B 160 -0.28 -6.69 11.59
CA LEU B 160 -0.24 -6.53 10.14
C LEU B 160 -0.43 -7.87 9.41
N GLN B 161 -1.31 -7.87 8.41
CA GLN B 161 -1.59 -9.06 7.61
C GLN B 161 -0.87 -8.98 6.27
N VAL B 162 -0.64 -10.13 5.65
CA VAL B 162 0.04 -10.19 4.37
C VAL B 162 -0.58 -11.26 3.47
N VAL B 163 -0.60 -11.00 2.17
CA VAL B 163 -1.14 -11.97 1.22
C VAL B 163 -0.46 -11.76 -0.12
N ASN B 164 -0.12 -12.85 -0.80
CA ASN B 164 0.52 -12.78 -2.11
C ASN B 164 -0.53 -13.10 -3.17
N LEU B 165 -0.67 -12.23 -4.16
CA LEU B 165 -1.67 -12.40 -5.21
C LEU B 165 -1.11 -12.30 -6.63
N PRO B 166 -1.64 -13.10 -7.57
CA PRO B 166 -1.14 -13.03 -8.95
C PRO B 166 -1.80 -11.89 -9.73
N ILE B 167 -1.05 -11.31 -10.65
CA ILE B 167 -1.56 -10.23 -11.48
C ILE B 167 -2.47 -10.92 -12.52
N VAL B 168 -3.57 -10.27 -12.87
CA VAL B 168 -4.52 -10.85 -13.81
C VAL B 168 -4.56 -10.15 -15.18
N GLU B 169 -4.81 -10.94 -16.23
CA GLU B 169 -4.88 -10.43 -17.60
C GLU B 169 -5.91 -9.31 -17.71
N ARG B 170 -5.59 -8.24 -18.43
CA ARG B 170 -6.48 -7.11 -18.58
C ARG B 170 -7.90 -7.46 -19.04
N PRO B 171 -8.04 -8.40 -20.01
CA PRO B 171 -9.37 -8.79 -20.50
C PRO B 171 -10.25 -9.31 -19.38
N VAL B 172 -9.68 -10.21 -18.57
CA VAL B 172 -10.38 -10.79 -17.44
C VAL B 172 -10.78 -9.72 -16.42
N CYS B 173 -9.90 -8.74 -16.21
CA CYS B 173 -10.21 -7.66 -15.27
C CYS B 173 -11.45 -6.90 -15.78
N LYS B 174 -11.39 -6.53 -17.06
CA LYS B 174 -12.47 -5.80 -17.71
C LYS B 174 -13.80 -6.53 -17.65
N ASP B 175 -13.77 -7.83 -17.95
CA ASP B 175 -14.98 -8.63 -17.97
C ASP B 175 -15.55 -9.04 -16.62
N SER B 176 -14.93 -8.59 -15.53
CA SER B 176 -15.42 -8.94 -14.21
C SER B 176 -16.23 -7.83 -13.57
N THR B 177 -16.24 -6.67 -14.22
CA THR B 177 -16.94 -5.52 -13.67
C THR B 177 -17.62 -4.66 -14.74
N ARG B 178 -18.51 -3.77 -14.28
CA ARG B 178 -19.23 -2.86 -15.17
C ARG B 178 -18.49 -1.53 -15.14
N ILE B 179 -17.54 -1.40 -14.22
CA ILE B 179 -16.77 -0.16 -14.09
C ILE B 179 -15.80 -0.02 -15.26
N ARG B 180 -15.64 1.20 -15.75
CA ARG B 180 -14.73 1.47 -16.85
C ARG B 180 -13.28 1.45 -16.34
N ILE B 181 -12.51 0.48 -16.79
CA ILE B 181 -11.12 0.34 -16.38
C ILE B 181 -10.18 1.10 -17.31
N THR B 182 -9.16 1.75 -16.75
CA THR B 182 -8.22 2.53 -17.54
C THR B 182 -6.82 1.90 -17.53
N ASP B 183 -5.91 2.48 -18.28
CA ASP B 183 -4.54 1.97 -18.34
C ASP B 183 -3.80 2.29 -17.02
N ASN B 184 -4.37 3.16 -16.20
CA ASN B 184 -3.75 3.53 -14.92
C ASN B 184 -4.12 2.57 -13.79
N MET B 185 -4.70 1.43 -14.14
CA MET B 185 -5.08 0.44 -13.14
C MET B 185 -4.69 -0.93 -13.64
N PHE B 186 -4.62 -1.87 -12.71
CA PHE B 186 -4.39 -3.26 -13.04
C PHE B 186 -5.09 -4.01 -11.92
N CYS B 187 -5.49 -5.26 -12.15
CA CYS B 187 -6.18 -5.98 -11.08
C CYS B 187 -5.40 -7.23 -10.74
N ALA B 188 -5.66 -7.76 -9.55
CA ALA B 188 -4.97 -8.94 -9.08
C ALA B 188 -5.89 -9.81 -8.22
N GLY B 189 -5.57 -11.09 -8.14
CA GLY B 189 -6.37 -12.00 -7.35
C GLY B 189 -6.45 -13.33 -8.05
N TYR B 190 -6.89 -14.35 -7.32
CA TYR B 190 -7.01 -15.66 -7.90
C TYR B 190 -8.36 -15.78 -8.61
N LYS B 191 -8.40 -16.66 -9.60
CA LYS B 191 -9.61 -16.93 -10.36
C LYS B 191 -10.38 -17.96 -9.55
N PRO B 192 -11.73 -17.92 -9.61
CA PRO B 192 -12.57 -18.85 -8.86
C PRO B 192 -12.22 -20.33 -8.94
N ASP B 193 -11.47 -20.73 -9.98
CA ASP B 193 -11.12 -22.14 -10.12
C ASP B 193 -9.68 -22.46 -9.74
N GLU B 194 -8.94 -21.48 -9.24
CA GLU B 194 -7.55 -21.71 -8.87
C GLU B 194 -7.39 -22.24 -7.45
N GLY B 195 -8.51 -22.38 -6.74
CA GLY B 195 -8.44 -22.89 -5.39
C GLY B 195 -8.15 -21.86 -4.33
N LYS B 196 -6.91 -21.36 -4.30
CA LYS B 196 -6.51 -20.37 -3.32
C LYS B 196 -7.26 -19.06 -3.50
N ARG B 197 -7.28 -18.23 -2.46
CA ARG B 197 -7.95 -16.94 -2.52
C ARG B 197 -7.19 -15.87 -1.75
N GLY B 198 -7.87 -14.75 -1.48
CA GLY B 198 -7.21 -13.66 -0.77
C GLY B 198 -7.49 -12.35 -1.48
N ASP B 199 -7.48 -11.24 -0.74
CA ASP B 199 -7.79 -9.95 -1.34
C ASP B 199 -7.61 -8.86 -0.28
N ALA B 200 -7.62 -7.61 -0.72
CA ALA B 200 -7.53 -6.50 0.21
C ALA B 200 -8.97 -6.29 0.67
N CYS B 201 -9.17 -5.43 1.65
CA CYS B 201 -10.52 -5.16 2.13
C CYS B 201 -10.54 -3.77 2.75
N GLU B 202 -11.68 -3.36 3.29
CA GLU B 202 -11.80 -2.04 3.89
C GLU B 202 -10.69 -1.81 4.90
N GLY B 203 -10.07 -0.63 4.83
CA GLY B 203 -8.99 -0.31 5.76
C GLY B 203 -7.62 -0.52 5.15
N ASP B 204 -7.56 -1.31 4.08
CA ASP B 204 -6.32 -1.62 3.38
C ASP B 204 -5.96 -0.60 2.29
N SER B 205 -6.96 0.18 1.86
CA SER B 205 -6.78 1.18 0.82
C SER B 205 -5.51 1.99 1.03
N GLY B 206 -4.88 2.38 -0.07
CA GLY B 206 -3.68 3.20 0.03
C GLY B 206 -2.43 2.39 0.33
N GLY B 207 -2.62 1.11 0.66
CA GLY B 207 -1.52 0.22 0.95
C GLY B 207 -0.71 -0.14 -0.28
N PRO B 208 0.51 -0.67 -0.11
CA PRO B 208 1.37 -1.05 -1.24
C PRO B 208 1.21 -2.46 -1.76
N PHE B 209 1.33 -2.60 -3.08
CA PHE B 209 1.30 -3.90 -3.76
C PHE B 209 2.78 -3.93 -4.20
N VAL B 210 3.57 -4.83 -3.65
CA VAL B 210 4.99 -4.86 -4.02
C VAL B 210 5.43 -6.16 -4.65
N MET B 211 6.58 -6.12 -5.32
CA MET B 211 7.15 -7.30 -5.96
C MET B 211 8.66 -7.27 -5.73
N LYS B 212 9.27 -8.45 -5.65
CA LYS B 212 10.72 -8.49 -5.43
C LYS B 212 11.42 -8.80 -6.74
N SER B 213 12.29 -7.90 -7.17
CA SER B 213 13.02 -8.06 -8.42
C SER B 213 14.03 -9.20 -8.34
N PRO B 214 13.92 -10.19 -9.26
CA PRO B 214 14.87 -11.30 -9.23
C PRO B 214 16.23 -10.91 -9.83
N PHE B 215 16.32 -9.66 -10.29
CA PHE B 215 17.54 -9.14 -10.89
C PHE B 215 18.49 -8.50 -9.87
N ASN B 216 17.95 -7.69 -8.95
CA ASN B 216 18.79 -7.04 -7.95
C ASN B 216 18.33 -7.27 -6.51
N ASN B 217 17.38 -8.18 -6.33
CA ASN B 217 16.83 -8.54 -5.01
C ASN B 217 16.17 -7.43 -4.21
N ARG B 218 15.77 -6.35 -4.88
CA ARG B 218 15.12 -5.25 -4.20
C ARG B 218 13.60 -5.32 -4.32
N TRP B 219 12.90 -4.71 -3.37
CA TRP B 219 11.45 -4.67 -3.39
C TRP B 219 11.00 -3.39 -4.05
N TYR B 220 10.04 -3.50 -4.98
CA TYR B 220 9.51 -2.35 -5.70
C TYR B 220 8.00 -2.26 -5.50
N GLN B 221 7.47 -1.04 -5.36
CA GLN B 221 6.03 -0.89 -5.22
C GLN B 221 5.48 -0.71 -6.62
N MET B 222 4.68 -1.66 -7.09
CA MET B 222 4.11 -1.59 -8.43
C MET B 222 2.69 -1.04 -8.42
N GLY B 223 2.00 -1.15 -7.28
CA GLY B 223 0.64 -0.67 -7.21
C GLY B 223 0.20 -0.14 -5.87
N ILE B 224 -0.98 0.45 -5.84
CA ILE B 224 -1.58 0.99 -4.62
C ILE B 224 -2.96 0.39 -4.53
N VAL B 225 -3.32 -0.15 -3.38
CA VAL B 225 -4.65 -0.74 -3.17
C VAL B 225 -5.63 0.38 -3.49
N SER B 226 -6.44 0.20 -4.53
CA SER B 226 -7.37 1.24 -4.91
C SER B 226 -8.84 0.94 -4.67
N TRP B 227 -9.41 0.00 -5.42
CA TRP B 227 -10.81 -0.31 -5.23
C TRP B 227 -11.18 -1.75 -5.54
N GLY B 228 -12.40 -2.10 -5.16
CA GLY B 228 -12.90 -3.43 -5.40
C GLY B 228 -14.39 -3.46 -5.11
N GLU B 229 -15.04 -4.56 -5.46
CA GLU B 229 -16.46 -4.70 -5.22
C GLU B 229 -16.58 -5.87 -4.25
N GLY B 230 -16.72 -5.53 -2.97
CA GLY B 230 -16.78 -6.56 -1.95
C GLY B 230 -15.35 -6.94 -1.66
N CYS B 231 -15.14 -8.04 -0.96
CA CYS B 231 -13.79 -8.50 -0.65
C CYS B 231 -13.71 -10.00 -0.84
N ASP B 232 -12.73 -10.41 -1.63
CA ASP B 232 -12.53 -11.83 -1.89
C ASP B 232 -13.78 -12.53 -2.43
N ARG B 233 -14.54 -11.82 -3.27
CA ARG B 233 -15.73 -12.38 -3.89
C ARG B 233 -15.26 -13.19 -5.08
N ASP B 234 -15.87 -14.34 -5.32
CA ASP B 234 -15.48 -15.16 -6.46
C ASP B 234 -15.81 -14.43 -7.75
N GLY B 235 -14.91 -14.51 -8.73
CA GLY B 235 -15.14 -13.84 -10.00
C GLY B 235 -14.88 -12.35 -9.98
N LYS B 236 -14.43 -11.83 -8.84
CA LYS B 236 -14.13 -10.41 -8.71
C LYS B 236 -12.64 -10.27 -8.40
N TYR B 237 -12.07 -9.10 -8.67
CA TYR B 237 -10.66 -8.89 -8.43
C TYR B 237 -10.39 -7.52 -7.83
N GLY B 238 -9.28 -7.40 -7.12
CA GLY B 238 -8.94 -6.13 -6.52
C GLY B 238 -8.25 -5.28 -7.57
N PHE B 239 -8.49 -3.98 -7.54
CA PHE B 239 -7.87 -3.08 -8.50
C PHE B 239 -6.86 -2.18 -7.82
N TYR B 240 -5.74 -1.99 -8.50
CA TYR B 240 -4.64 -1.19 -7.99
C TYR B 240 -4.20 -0.09 -8.93
N THR B 241 -3.79 1.03 -8.36
CA THR B 241 -3.29 2.15 -9.14
C THR B 241 -1.92 1.72 -9.68
N HIS B 242 -1.73 1.91 -10.99
CA HIS B 242 -0.50 1.56 -11.70
C HIS B 242 0.54 2.64 -11.41
N VAL B 243 1.39 2.39 -10.42
CA VAL B 243 2.39 3.38 -10.01
C VAL B 243 3.34 3.87 -11.11
N PHE B 244 3.90 2.98 -11.89
CA PHE B 244 4.81 3.45 -12.94
C PHE B 244 4.13 4.41 -13.91
N ARG B 245 2.93 4.06 -14.36
CA ARG B 245 2.19 4.90 -15.30
C ARG B 245 2.07 6.34 -14.81
N LEU B 246 2.13 6.54 -13.50
CA LEU B 246 1.99 7.89 -12.95
C LEU B 246 3.28 8.43 -12.32
N LYS B 247 4.41 7.79 -12.61
CA LYS B 247 5.66 8.23 -12.01
C LYS B 247 6.10 9.63 -12.43
N LYS B 248 5.72 10.06 -13.64
CA LYS B 248 6.07 11.40 -14.13
C LYS B 248 5.55 12.46 -13.17
N TRP B 249 4.31 12.27 -12.71
CA TRP B 249 3.69 13.19 -11.78
C TRP B 249 4.37 13.11 -10.42
N ILE B 250 4.67 11.89 -9.99
CA ILE B 250 5.33 11.68 -8.71
C ILE B 250 6.67 12.41 -8.68
N GLN B 251 7.49 12.19 -9.70
CA GLN B 251 8.79 12.85 -9.77
C GLN B 251 8.66 14.36 -9.84
N LYS B 252 7.68 14.83 -10.61
CA LYS B 252 7.46 16.25 -10.76
C LYS B 252 7.22 16.90 -9.41
N VAL B 253 6.33 16.31 -8.61
CA VAL B 253 6.01 16.83 -7.29
C VAL B 253 7.18 16.86 -6.31
N ILE B 254 7.90 15.75 -6.23
CA ILE B 254 9.03 15.64 -5.31
C ILE B 254 10.17 16.63 -5.56
N ASP B 255 10.66 16.70 -6.78
CA ASP B 255 11.76 17.61 -7.08
C ASP B 255 11.31 19.05 -7.30
N GLN B 256 10.03 19.32 -7.08
CA GLN B 256 9.51 20.67 -7.26
C GLN B 256 9.01 21.23 -5.93
N PHE B 257 8.87 20.36 -4.93
CA PHE B 257 8.40 20.79 -3.62
C PHE B 257 9.22 20.15 -2.49
N GLY B 258 10.18 19.32 -2.87
CA GLY B 258 11.01 18.65 -1.89
C GLY B 258 12.49 18.98 -2.03
N ASP C 1 -11.06 0.77 19.42
CA ASP C 1 -10.23 0.16 20.50
C ASP C 1 -8.74 0.48 20.35
N PHE C 2 -8.44 1.72 19.97
CA PHE C 2 -7.07 2.14 19.79
C PHE C 2 -6.47 2.65 21.10
N GLU C 3 -5.21 2.32 21.32
CA GLU C 3 -4.54 2.76 22.53
C GLU C 3 -4.15 4.22 22.40
N GLU C 4 -4.40 4.96 23.47
CA GLU C 4 -4.10 6.38 23.56
C GLU C 4 -2.67 6.65 23.14
N ILE C 5 -2.51 7.50 22.14
CA ILE C 5 -1.17 7.86 21.69
C ILE C 5 -0.77 9.11 22.46
N PRO C 6 0.53 9.35 22.66
CA PRO C 6 1.04 10.52 23.38
C PRO C 6 0.48 11.85 22.89
N GLU C 7 0.00 12.65 23.84
CA GLU C 7 -0.57 13.96 23.55
C GLU C 7 0.42 14.84 22.78
N GLU C 8 1.72 14.55 22.94
CA GLU C 8 2.77 15.30 22.26
C GLU C 8 2.62 15.25 20.74
N TYS C 9 1.85 14.29 20.24
CA TYS C 9 1.63 14.15 18.81
CB TYS C 9 1.65 12.67 18.43
CG TYS C 9 3.02 12.03 18.63
CD1 TYS C 9 4.12 12.47 17.88
CD2 TYS C 9 3.17 11.00 19.57
CE1 TYS C 9 5.37 11.88 18.06
CE2 TYS C 9 4.41 10.42 19.75
CZ TYS C 9 5.50 10.86 19.00
OH TYS C 9 6.63 10.33 19.15
S TYS C 9 6.97 9.07 18.52
O1 TYS C 9 7.38 9.34 17.20
O2 TYS C 9 5.90 8.13 18.53
O3 TYS C 9 8.06 8.48 19.19
C TYS C 9 0.29 14.76 18.42
O TYS C 9 0.12 15.23 17.30
N LEU C 10 -0.66 14.75 19.36
CA LEU C 10 -2.00 15.30 19.15
C LEU C 10 -2.06 16.81 19.35
N GLN C 11 -0.93 17.39 19.76
CA GLN C 11 -0.86 18.83 20.03
C GLN C 11 -0.73 19.65 18.75
N1 CDA D . -17.39 2.92 -7.29
C2 CDA D . -16.59 1.77 -7.49
C3 CDA D . -15.27 1.88 -8.08
C4 CDA D . -14.84 3.21 -8.44
C5 CDA D . -15.69 4.37 -8.19
C6 CDA D . -17.00 4.22 -7.61
C11 CDA D . -17.16 0.45 -6.99
C12 CDA D . -17.47 0.46 -5.50
F13 CDA D . -16.34 -0.61 -7.22
F1 CDA D . -18.33 0.24 -7.62
N18 CDA D . -16.24 0.42 -4.69
C21 CDA D . -15.64 1.50 -4.11
C22 CDA D . -14.26 1.33 -3.57
N23 CDA D . -13.69 2.45 -3.00
C24 CDA D . -14.40 3.70 -2.92
C25 CDA D . -15.69 3.79 -3.48
N26 CDA D . -16.26 2.72 -4.02
O28 CDA D . -13.65 0.26 -3.64
C29 CDA D . -13.83 4.91 -2.30
C33 CDA D . -12.33 2.32 -2.43
C34 CDA D . -12.28 1.20 -1.40
N37 CDA D . -11.16 0.43 -1.49
O38 CDA D . -13.16 1.08 -0.57
C39 CDA D . -10.93 -0.65 -0.52
C40 CDA D . -10.74 -1.99 -1.21
C43 CDA D . -11.56 -3.10 -0.83
C44 CDA D . -11.42 -4.37 -1.48
C45 CDA D . -10.42 -4.49 -2.51
N46 CDA D . -9.78 -2.13 -2.20
F47 CDA D . -12.43 -2.86 0.16
C50 CDA D . -9.61 -3.34 -2.85
#